data_4JEI
#
_entry.id   4JEI
#
_cell.length_a   116.693
_cell.length_b   116.693
_cell.length_c   170.272
_cell.angle_alpha   90.00
_cell.angle_beta   90.00
_cell.angle_gamma   120.00
#
_symmetry.space_group_name_H-M   'P 63 2 2'
#
loop_
_entity.id
_entity.type
_entity.pdbx_description
1 polymer 'Lipase 2'
2 water water
#
_entity_poly.entity_id   1
_entity_poly.type   'polypeptide(L)'
_entity_poly.pdbx_seq_one_letter_code
;VYTSTETSHIDQESYNFFEKYARLANIGYCVGPGTKIFKPFNCGLQCAHFPNVELIEEFHDPRLIFDVSGYLAVDHASKQ
IYLVIRGTHSLEDVITDIRIMQAPLTNFDLAAQISSTATCDDCLVHNGFIQSYQNTYNQIGPKLDSVIEQYPDYQIAVTG
HSLGGAAALLFGINLKVNGHDPLVVTLGQPIVGNAGFANWVDKLFFGQENPDVSKVSKDRKLYRITHRGDIVPQVPFWDG
YQHCSGEVFIDWPLIHPPLSNVVMCQGQSNKQCSAGNTLLQQVNVIGNHLQYFVTEGVCGI
;
_entity_poly.pdbx_strand_id   A
#
# COMPACT_ATOMS: atom_id res chain seq x y z
N TYR A 2 2.09 18.33 -9.73
CA TYR A 2 0.71 17.87 -9.85
C TYR A 2 0.55 16.88 -11.01
N THR A 3 0.79 17.32 -12.26
CA THR A 3 0.76 16.43 -13.43
C THR A 3 1.99 16.68 -14.27
N SER A 4 2.90 15.71 -14.32
CA SER A 4 4.11 15.78 -15.12
C SER A 4 4.23 14.52 -15.99
N THR A 5 5.31 14.42 -16.78
CA THR A 5 5.61 13.28 -17.64
C THR A 5 7.05 12.81 -17.44
N GLU A 6 7.76 13.44 -16.46
CA GLU A 6 9.15 13.11 -16.12
C GLU A 6 9.22 11.78 -15.35
N THR A 7 10.10 10.88 -15.81
CA THR A 7 10.34 9.57 -15.19
C THR A 7 11.84 9.41 -14.92
N SER A 8 12.22 8.54 -13.97
CA SER A 8 13.61 8.29 -13.61
C SER A 8 13.90 6.83 -13.35
N HIS A 9 15.03 6.33 -13.88
CA HIS A 9 15.49 4.96 -13.72
C HIS A 9 15.95 4.66 -12.29
N ILE A 10 16.04 3.36 -11.93
CA ILE A 10 16.40 2.95 -10.57
C ILE A 10 17.62 2.02 -10.45
N ASP A 11 18.11 1.88 -9.21
CA ASP A 11 19.21 1.02 -8.77
C ASP A 11 18.72 -0.42 -8.69
N GLN A 12 19.65 -1.39 -8.66
CA GLN A 12 19.30 -2.79 -8.45
C GLN A 12 18.91 -2.95 -6.97
N GLU A 13 19.49 -2.10 -6.09
CA GLU A 13 19.22 -2.05 -4.66
C GLU A 13 17.79 -1.54 -4.44
N SER A 14 17.38 -0.48 -5.17
CA SER A 14 16.03 0.09 -5.12
C SER A 14 15.01 -0.94 -5.61
N TYR A 15 15.35 -1.69 -6.67
CA TYR A 15 14.55 -2.77 -7.25
C TYR A 15 14.27 -3.86 -6.22
N ASN A 16 15.34 -4.36 -5.56
CA ASN A 16 15.29 -5.40 -4.52
C ASN A 16 14.48 -4.94 -3.32
N PHE A 17 14.49 -3.62 -3.05
CA PHE A 17 13.75 -2.99 -1.96
C PHE A 17 12.25 -3.05 -2.25
N PHE A 18 11.82 -2.74 -3.49
CA PHE A 18 10.41 -2.78 -3.88
C PHE A 18 9.89 -4.22 -3.94
N GLU A 19 10.72 -5.16 -4.42
CA GLU A 19 10.39 -6.59 -4.51
C GLU A 19 10.23 -7.19 -3.12
N LYS A 20 11.04 -6.73 -2.15
CA LYS A 20 10.99 -7.19 -0.76
C LYS A 20 9.59 -6.92 -0.19
N TYR A 21 9.10 -5.69 -0.38
CA TYR A 21 7.79 -5.28 0.10
C TYR A 21 6.64 -5.87 -0.69
N ALA A 22 6.89 -6.19 -1.97
CA ALA A 22 5.94 -6.87 -2.84
C ALA A 22 5.75 -8.29 -2.27
N ARG A 23 6.87 -8.96 -1.93
CA ARG A 23 6.89 -10.30 -1.34
C ARG A 23 6.17 -10.31 0.00
N LEU A 24 6.55 -9.38 0.91
CA LEU A 24 5.91 -9.23 2.23
C LEU A 24 4.42 -8.99 2.10
N ALA A 25 4.00 -8.12 1.16
CA ALA A 25 2.59 -7.81 0.88
C ALA A 25 1.85 -9.05 0.38
N ASN A 26 2.52 -9.85 -0.48
CA ASN A 26 1.95 -11.07 -1.03
C ASN A 26 1.78 -12.16 0.04
N ILE A 27 2.68 -12.20 1.05
CA ILE A 27 2.61 -13.16 2.18
C ILE A 27 1.26 -12.98 2.94
N GLY A 28 0.72 -11.76 2.98
CA GLY A 28 -0.56 -11.46 3.61
C GLY A 28 -1.71 -12.33 3.15
N TYR A 29 -1.56 -13.01 1.99
CA TYR A 29 -2.56 -13.89 1.41
C TYR A 29 -2.60 -15.30 2.02
N CYS A 30 -1.68 -15.62 2.97
CA CYS A 30 -1.72 -16.91 3.72
C CYS A 30 -2.66 -16.79 4.89
N VAL A 31 -2.96 -15.55 5.30
CA VAL A 31 -3.82 -15.24 6.45
C VAL A 31 -5.32 -15.64 6.32
N GLY A 32 -5.81 -15.80 5.09
CA GLY A 32 -7.19 -16.21 4.83
C GLY A 32 -7.61 -17.58 5.35
N PRO A 33 -8.90 -18.00 5.19
CA PRO A 33 -9.30 -19.33 5.69
C PRO A 33 -8.74 -20.48 4.87
N GLY A 34 -8.47 -21.61 5.53
CA GLY A 34 -7.93 -22.81 4.92
C GLY A 34 -6.42 -22.83 4.85
N THR A 35 -5.79 -21.67 5.11
CA THR A 35 -4.35 -21.44 5.12
C THR A 35 -3.97 -20.61 6.36
N LYS A 36 -2.67 -20.61 6.73
CA LYS A 36 -2.13 -19.81 7.84
C LYS A 36 -0.63 -19.72 7.79
N ILE A 37 -0.05 -18.65 8.37
CA ILE A 37 1.39 -18.51 8.51
C ILE A 37 1.70 -19.17 9.84
N PHE A 38 2.59 -20.17 9.82
CA PHE A 38 2.98 -20.89 11.02
C PHE A 38 4.20 -20.24 11.67
N LYS A 39 4.25 -20.24 13.00
CA LYS A 39 5.36 -19.68 13.75
C LYS A 39 6.64 -20.53 13.58
N PRO A 40 7.83 -19.92 13.40
CA PRO A 40 8.11 -18.46 13.40
C PRO A 40 7.62 -17.71 12.16
N PHE A 41 7.76 -18.29 10.95
CA PHE A 41 7.35 -17.67 9.69
C PHE A 41 7.34 -18.71 8.57
N ASN A 42 6.40 -19.68 8.66
CA ASN A 42 6.24 -20.78 7.70
C ASN A 42 4.97 -20.63 6.89
N CYS A 43 5.11 -20.44 5.57
CA CYS A 43 3.97 -20.25 4.66
C CYS A 43 4.25 -20.84 3.27
N GLY A 44 5.16 -21.80 3.23
CA GLY A 44 5.64 -22.38 1.99
C GLY A 44 6.98 -21.72 1.75
N LEU A 45 7.61 -21.96 0.60
CA LEU A 45 8.93 -21.38 0.43
C LEU A 45 8.99 -19.95 -0.16
N GLN A 46 7.93 -19.16 0.15
CA GLN A 46 7.76 -17.75 -0.18
C GLN A 46 8.29 -16.98 1.04
N CYS A 47 8.01 -17.51 2.25
CA CYS A 47 8.47 -17.01 3.54
C CYS A 47 9.98 -17.28 3.69
N ALA A 48 10.53 -18.24 2.90
CA ALA A 48 11.95 -18.62 2.86
C ALA A 48 12.88 -17.45 2.53
N HIS A 49 12.37 -16.44 1.81
CA HIS A 49 13.10 -15.22 1.45
C HIS A 49 13.29 -14.35 2.70
N PHE A 50 12.56 -14.69 3.79
CA PHE A 50 12.59 -13.97 5.06
C PHE A 50 12.99 -14.94 6.19
N PRO A 51 14.29 -15.36 6.23
CA PRO A 51 14.71 -16.33 7.25
C PRO A 51 14.81 -15.75 8.67
N ASN A 52 14.95 -14.43 8.80
CA ASN A 52 15.10 -13.75 10.09
C ASN A 52 13.83 -13.05 10.59
N VAL A 53 12.64 -13.55 10.19
CA VAL A 53 11.34 -12.97 10.55
C VAL A 53 10.57 -13.82 11.56
N GLU A 54 10.09 -13.17 12.64
CA GLU A 54 9.26 -13.80 13.68
C GLU A 54 7.84 -13.25 13.57
N LEU A 55 6.85 -14.12 13.34
CA LEU A 55 5.46 -13.73 13.25
C LEU A 55 4.92 -13.50 14.67
N ILE A 56 4.37 -12.30 14.92
CA ILE A 56 3.78 -11.95 16.20
C ILE A 56 2.32 -12.40 16.19
N GLU A 57 1.55 -11.89 15.22
CA GLU A 57 0.13 -12.16 15.10
C GLU A 57 -0.38 -11.95 13.69
N GLU A 58 -1.24 -12.85 13.25
CA GLU A 58 -1.96 -12.75 11.99
C GLU A 58 -3.44 -12.51 12.35
N PHE A 59 -4.15 -11.71 11.55
CA PHE A 59 -5.54 -11.33 11.82
C PHE A 59 -6.41 -11.39 10.58
N HIS A 60 -7.72 -11.64 10.77
CA HIS A 60 -8.69 -11.68 9.68
C HIS A 60 -10.13 -11.38 10.14
N ASP A 61 -10.82 -10.51 9.40
CA ASP A 61 -12.22 -10.16 9.66
C ASP A 61 -12.99 -10.21 8.33
N PRO A 62 -13.99 -11.11 8.18
CA PRO A 62 -14.67 -11.24 6.89
C PRO A 62 -16.10 -10.66 6.79
N ARG A 63 -16.61 -10.00 7.85
CA ARG A 63 -18.00 -9.53 7.88
C ARG A 63 -18.41 -8.36 6.97
N LEU A 64 -17.46 -7.53 6.50
CA LEU A 64 -17.75 -6.42 5.58
C LEU A 64 -16.85 -6.51 4.35
N ILE A 65 -17.30 -6.00 3.18
CA ILE A 65 -16.50 -6.02 1.93
C ILE A 65 -15.17 -5.29 2.11
N PHE A 66 -15.19 -4.18 2.86
CA PHE A 66 -14.00 -3.38 3.13
C PHE A 66 -13.17 -3.90 4.32
N ASP A 67 -13.61 -5.01 4.95
CA ASP A 67 -12.88 -5.62 6.05
C ASP A 67 -11.53 -6.19 5.62
N VAL A 68 -10.60 -6.22 6.56
CA VAL A 68 -9.19 -6.52 6.37
C VAL A 68 -8.63 -7.77 7.08
N SER A 69 -7.58 -8.34 6.48
CA SER A 69 -6.81 -9.48 6.98
C SER A 69 -5.33 -9.16 6.75
N GLY A 70 -4.45 -9.81 7.50
CA GLY A 70 -3.01 -9.62 7.36
C GLY A 70 -2.21 -10.11 8.53
N TYR A 71 -0.96 -9.62 8.65
CA TYR A 71 -0.08 -10.04 9.73
C TYR A 71 0.83 -8.93 10.28
N LEU A 72 1.30 -9.14 11.51
CA LEU A 72 2.27 -8.31 12.22
C LEU A 72 3.48 -9.21 12.48
N ALA A 73 4.67 -8.76 12.08
CA ALA A 73 5.90 -9.54 12.25
C ALA A 73 7.13 -8.67 12.52
N VAL A 74 8.18 -9.28 13.12
CA VAL A 74 9.45 -8.62 13.45
C VAL A 74 10.54 -9.25 12.58
N ASP A 75 11.44 -8.42 12.04
CA ASP A 75 12.60 -8.87 11.27
C ASP A 75 13.85 -8.60 12.11
N HIS A 76 14.42 -9.66 12.69
CA HIS A 76 15.59 -9.58 13.55
C HIS A 76 16.89 -9.18 12.84
N ALA A 77 17.00 -9.45 11.52
CA ALA A 77 18.21 -9.07 10.78
C ALA A 77 18.16 -7.61 10.41
N SER A 78 17.13 -7.20 9.64
CA SER A 78 16.95 -5.84 9.16
C SER A 78 16.52 -4.84 10.25
N LYS A 79 16.13 -5.34 11.45
CA LYS A 79 15.68 -4.54 12.60
C LYS A 79 14.42 -3.74 12.23
N GLN A 80 13.33 -4.46 11.87
CA GLN A 80 12.07 -3.85 11.45
C GLN A 80 10.81 -4.55 11.96
N ILE A 81 9.73 -3.77 12.10
CA ILE A 81 8.40 -4.26 12.47
C ILE A 81 7.56 -4.15 11.19
N TYR A 82 7.05 -5.29 10.70
CA TYR A 82 6.24 -5.30 9.49
C TYR A 82 4.76 -5.41 9.77
N LEU A 83 3.97 -4.54 9.16
CA LEU A 83 2.52 -4.61 9.22
C LEU A 83 2.05 -4.79 7.78
N VAL A 84 1.57 -6.00 7.48
CA VAL A 84 1.08 -6.31 6.15
C VAL A 84 -0.43 -6.40 6.18
N ILE A 85 -1.06 -5.57 5.36
CA ILE A 85 -2.52 -5.48 5.28
C ILE A 85 -3.00 -5.95 3.90
N ARG A 86 -4.18 -6.58 3.86
CA ARG A 86 -4.82 -7.11 2.66
C ARG A 86 -6.34 -7.18 2.89
N GLY A 87 -7.13 -6.96 1.83
CA GLY A 87 -8.57 -7.05 1.90
C GLY A 87 -8.98 -8.50 2.04
N THR A 88 -9.79 -8.83 3.07
CA THR A 88 -10.23 -10.20 3.36
C THR A 88 -10.85 -10.89 2.17
N HIS A 89 -11.83 -10.22 1.54
CA HIS A 89 -12.56 -10.75 0.40
C HIS A 89 -11.73 -10.80 -0.86
N SER A 90 -12.11 -11.68 -1.79
CA SER A 90 -11.42 -11.89 -3.05
C SER A 90 -11.25 -10.59 -3.82
N LEU A 91 -10.16 -10.48 -4.58
CA LEU A 91 -9.82 -9.30 -5.38
C LEU A 91 -10.93 -8.89 -6.32
N GLU A 92 -11.55 -9.87 -7.01
CA GLU A 92 -12.67 -9.68 -7.93
C GLU A 92 -13.88 -9.00 -7.27
N ASP A 93 -14.38 -9.55 -6.14
CA ASP A 93 -15.51 -8.98 -5.40
C ASP A 93 -15.24 -7.55 -4.90
N VAL A 94 -13.98 -7.25 -4.55
CA VAL A 94 -13.53 -5.95 -4.04
C VAL A 94 -13.33 -4.94 -5.19
N ILE A 95 -12.56 -5.33 -6.24
CA ILE A 95 -12.29 -4.48 -7.41
C ILE A 95 -13.58 -4.01 -8.05
N THR A 96 -14.50 -4.95 -8.40
CA THR A 96 -15.79 -4.65 -9.03
C THR A 96 -16.65 -3.73 -8.18
N ASP A 97 -16.75 -3.98 -6.85
CA ASP A 97 -17.50 -3.13 -5.93
C ASP A 97 -17.04 -1.69 -6.06
N ILE A 98 -15.72 -1.43 -5.85
CA ILE A 98 -15.11 -0.10 -5.94
C ILE A 98 -15.29 0.50 -7.35
N ARG A 99 -14.89 -0.26 -8.39
CA ARG A 99 -14.95 0.08 -9.82
C ARG A 99 -16.35 0.53 -10.26
N ILE A 100 -17.40 -0.25 -9.89
CA ILE A 100 -18.79 0.02 -10.28
C ILE A 100 -19.71 0.41 -9.09
N MET A 101 -19.34 1.47 -8.37
CA MET A 101 -20.13 1.96 -7.24
C MET A 101 -19.82 3.37 -6.81
N GLN A 102 -20.77 3.93 -6.04
CA GLN A 102 -20.68 5.22 -5.38
C GLN A 102 -19.46 5.15 -4.48
N ALA A 103 -18.53 6.08 -4.65
CA ALA A 103 -17.33 6.14 -3.82
C ALA A 103 -17.45 7.43 -3.02
N PRO A 104 -18.31 7.44 -1.97
CA PRO A 104 -18.52 8.67 -1.20
C PRO A 104 -17.34 9.02 -0.30
N LEU A 105 -16.96 10.30 -0.31
CA LEU A 105 -15.86 10.83 0.47
C LEU A 105 -16.33 11.41 1.80
N THR A 106 -15.58 11.13 2.86
CA THR A 106 -15.78 11.65 4.20
C THR A 106 -14.44 12.12 4.74
N ASN A 107 -14.47 13.08 5.68
CA ASN A 107 -13.29 13.65 6.30
C ASN A 107 -12.53 12.57 7.05
N PHE A 108 -11.20 12.60 6.93
CA PHE A 108 -10.33 11.61 7.54
C PHE A 108 -10.23 11.62 9.07
N ASP A 109 -10.38 12.81 9.71
CA ASP A 109 -10.34 12.93 11.18
C ASP A 109 -11.49 12.19 11.90
N LEU A 110 -12.39 11.58 11.12
CA LEU A 110 -13.52 10.76 11.57
C LEU A 110 -12.97 9.44 12.12
N ALA A 111 -11.88 8.94 11.50
CA ALA A 111 -11.19 7.70 11.86
C ALA A 111 -10.46 7.80 13.20
N ALA A 112 -10.29 6.64 13.88
CA ALA A 112 -9.62 6.52 15.19
C ALA A 112 -8.15 6.92 15.12
N GLN A 113 -7.64 7.53 16.21
CA GLN A 113 -6.26 8.01 16.38
C GLN A 113 -5.82 9.15 15.44
N ILE A 114 -6.79 9.81 14.77
CA ILE A 114 -6.58 10.96 13.89
C ILE A 114 -7.56 12.05 14.32
N SER A 115 -7.03 13.20 14.74
CA SER A 115 -7.84 14.33 15.19
C SER A 115 -7.73 15.53 14.24
N SER A 116 -8.57 16.56 14.48
CA SER A 116 -8.70 17.81 13.72
C SER A 116 -7.37 18.56 13.53
N THR A 117 -6.50 18.59 14.55
CA THR A 117 -5.19 19.27 14.52
C THR A 117 -4.21 18.62 13.54
N ALA A 118 -4.29 17.29 13.38
CA ALA A 118 -3.43 16.52 12.49
C ALA A 118 -3.75 16.75 11.01
N THR A 119 -5.04 16.57 10.62
CA THR A 119 -5.54 16.70 9.25
C THR A 119 -6.10 18.08 8.89
N CYS A 120 -6.08 18.40 7.58
CA CYS A 120 -6.68 19.60 7.03
C CYS A 120 -8.21 19.36 7.02
N ASP A 121 -9.03 20.43 7.04
CA ASP A 121 -10.49 20.26 7.04
C ASP A 121 -11.03 19.60 5.77
N ASP A 122 -10.38 19.86 4.63
CA ASP A 122 -10.73 19.33 3.32
C ASP A 122 -9.97 18.01 2.99
N CYS A 123 -9.41 17.34 4.02
CA CYS A 123 -8.72 16.05 3.87
C CYS A 123 -9.80 14.96 3.83
N LEU A 124 -10.37 14.73 2.64
CA LEU A 124 -11.47 13.78 2.45
C LEU A 124 -10.99 12.48 1.86
N VAL A 125 -11.48 11.36 2.40
CA VAL A 125 -11.11 9.98 2.02
C VAL A 125 -12.35 9.14 1.72
N HIS A 126 -12.22 8.16 0.79
CA HIS A 126 -13.23 7.17 0.41
C HIS A 126 -13.75 6.51 1.69
N ASN A 127 -15.07 6.57 1.94
CA ASN A 127 -15.69 6.03 3.16
C ASN A 127 -15.43 4.55 3.42
N GLY A 128 -15.30 3.76 2.36
CA GLY A 128 -15.02 2.33 2.44
C GLY A 128 -13.63 2.07 2.96
N PHE A 129 -12.65 2.82 2.43
CA PHE A 129 -11.24 2.71 2.82
C PHE A 129 -11.02 3.15 4.26
N ILE A 130 -11.85 4.08 4.76
CA ILE A 130 -11.82 4.52 6.15
C ILE A 130 -12.21 3.34 7.04
N GLN A 131 -13.23 2.55 6.63
CA GLN A 131 -13.64 1.33 7.36
C GLN A 131 -12.53 0.29 7.28
N SER A 132 -11.81 0.21 6.13
CA SER A 132 -10.67 -0.69 5.96
C SER A 132 -9.61 -0.33 6.99
N TYR A 133 -9.27 0.98 7.13
CA TYR A 133 -8.32 1.49 8.12
C TYR A 133 -8.83 1.20 9.55
N GLN A 134 -10.12 1.50 9.82
CA GLN A 134 -10.74 1.27 11.13
C GLN A 134 -10.65 -0.19 11.53
N ASN A 135 -10.92 -1.09 10.60
CA ASN A 135 -10.81 -2.52 10.82
C ASN A 135 -9.39 -2.95 11.13
N THR A 136 -8.42 -2.38 10.44
CA THR A 136 -7.04 -2.67 10.73
C THR A 136 -6.71 -2.33 12.16
N TYR A 137 -7.06 -1.12 12.59
CA TYR A 137 -6.74 -0.69 13.93
C TYR A 137 -7.41 -1.51 15.01
N ASN A 138 -8.70 -1.70 14.86
CA ASN A 138 -9.51 -2.51 15.79
C ASN A 138 -8.89 -3.90 16.00
N GLN A 139 -8.27 -4.47 14.95
CA GLN A 139 -7.64 -5.78 14.97
C GLN A 139 -6.17 -5.81 15.40
N ILE A 140 -5.38 -4.78 15.07
CA ILE A 140 -3.94 -4.80 15.37
C ILE A 140 -3.29 -3.54 16.01
N GLY A 141 -4.04 -2.44 16.14
CA GLY A 141 -3.57 -1.21 16.75
C GLY A 141 -2.89 -1.44 18.10
N PRO A 142 -3.64 -1.94 19.12
CA PRO A 142 -3.01 -2.22 20.43
C PRO A 142 -1.77 -3.11 20.39
N LYS A 143 -1.84 -4.28 19.71
CA LYS A 143 -0.73 -5.23 19.60
C LYS A 143 0.52 -4.57 19.01
N LEU A 144 0.35 -3.75 17.97
CA LEU A 144 1.45 -3.01 17.32
C LEU A 144 2.07 -2.00 18.28
N ASP A 145 1.23 -1.23 19.02
CA ASP A 145 1.67 -0.24 20.01
C ASP A 145 2.59 -0.88 21.07
N SER A 146 2.24 -2.10 21.54
CA SER A 146 3.02 -2.84 22.53
C SER A 146 4.34 -3.37 21.93
N VAL A 147 4.28 -3.86 20.66
CA VAL A 147 5.44 -4.34 19.92
C VAL A 147 6.42 -3.17 19.68
N ILE A 148 5.90 -1.95 19.43
CA ILE A 148 6.69 -0.73 19.26
C ILE A 148 7.50 -0.46 20.56
N GLU A 149 6.88 -0.70 21.73
CA GLU A 149 7.52 -0.56 23.04
C GLU A 149 8.59 -1.65 23.25
N GLN A 150 8.32 -2.89 22.78
CA GLN A 150 9.23 -4.02 22.89
C GLN A 150 10.46 -3.86 21.98
N TYR A 151 10.28 -3.21 20.81
CA TYR A 151 11.35 -2.96 19.85
C TYR A 151 11.40 -1.45 19.51
N PRO A 152 11.83 -0.57 20.46
CA PRO A 152 11.80 0.88 20.19
C PRO A 152 12.75 1.42 19.12
N ASP A 153 13.82 0.68 18.80
CA ASP A 153 14.79 1.10 17.79
C ASP A 153 14.51 0.50 16.39
N TYR A 154 13.52 -0.40 16.32
CA TYR A 154 13.10 -1.06 15.09
C TYR A 154 12.21 -0.13 14.26
N GLN A 155 12.52 0.01 12.96
CA GLN A 155 11.77 0.85 12.02
C GLN A 155 10.45 0.16 11.66
N ILE A 156 9.35 0.93 11.63
CA ILE A 156 8.03 0.41 11.28
C ILE A 156 7.86 0.51 9.76
N ALA A 157 7.40 -0.58 9.14
CA ALA A 157 7.16 -0.63 7.70
C ALA A 157 5.78 -1.21 7.45
N VAL A 158 4.92 -0.42 6.80
CA VAL A 158 3.55 -0.80 6.48
C VAL A 158 3.45 -1.05 4.99
N THR A 159 2.89 -2.22 4.62
CA THR A 159 2.71 -2.60 3.23
C THR A 159 1.40 -3.32 2.98
N GLY A 160 0.98 -3.30 1.73
CA GLY A 160 -0.23 -3.96 1.29
C GLY A 160 -0.45 -3.84 -0.19
N HIS A 161 -1.15 -4.82 -0.75
CA HIS A 161 -1.51 -4.85 -2.16
C HIS A 161 -3.03 -4.63 -2.27
N SER A 162 -3.49 -4.02 -3.39
CA SER A 162 -4.91 -3.78 -3.69
C SER A 162 -5.56 -2.92 -2.61
N LEU A 163 -6.67 -3.39 -2.00
CA LEU A 163 -7.39 -2.74 -0.90
C LEU A 163 -6.46 -2.60 0.31
N GLY A 164 -5.61 -3.60 0.54
CA GLY A 164 -4.61 -3.62 1.60
C GLY A 164 -3.65 -2.46 1.50
N GLY A 165 -3.38 -2.03 0.26
CA GLY A 165 -2.54 -0.88 -0.07
C GLY A 165 -3.17 0.41 0.40
N ALA A 166 -4.49 0.57 0.16
CA ALA A 166 -5.27 1.74 0.60
C ALA A 166 -5.26 1.82 2.14
N ALA A 167 -5.43 0.65 2.82
CA ALA A 167 -5.40 0.55 4.27
C ALA A 167 -3.99 0.82 4.82
N ALA A 168 -2.94 0.38 4.10
CA ALA A 168 -1.53 0.59 4.44
C ALA A 168 -1.18 2.08 4.42
N LEU A 169 -1.70 2.83 3.41
CA LEU A 169 -1.46 4.26 3.28
C LEU A 169 -2.09 4.98 4.47
N LEU A 170 -3.37 4.67 4.78
CA LEU A 170 -4.11 5.27 5.89
C LEU A 170 -3.50 4.95 7.24
N PHE A 171 -3.13 3.68 7.48
CA PHE A 171 -2.45 3.27 8.71
C PHE A 171 -1.08 3.94 8.80
N GLY A 172 -0.42 4.06 7.64
CA GLY A 172 0.86 4.73 7.51
C GLY A 172 0.80 6.17 7.94
N ILE A 173 -0.23 6.92 7.48
CA ILE A 173 -0.41 8.31 7.90
C ILE A 173 -0.69 8.41 9.41
N ASN A 174 -1.50 7.46 9.96
CA ASN A 174 -1.84 7.40 11.39
C ASN A 174 -0.59 7.31 12.26
N LEU A 175 0.39 6.46 11.87
CA LEU A 175 1.65 6.29 12.60
C LEU A 175 2.52 7.54 12.44
N LYS A 176 2.61 8.06 11.20
CA LYS A 176 3.39 9.26 10.84
C LYS A 176 2.94 10.47 11.66
N VAL A 177 1.62 10.66 11.76
CA VAL A 177 0.97 11.74 12.48
C VAL A 177 1.14 11.58 14.01
N ASN A 178 1.20 10.33 14.50
CA ASN A 178 1.35 10.02 15.93
C ASN A 178 2.79 9.89 16.46
N GLY A 179 3.72 10.65 15.88
CA GLY A 179 5.11 10.70 16.32
C GLY A 179 6.01 9.54 15.94
N HIS A 180 5.50 8.58 15.15
CA HIS A 180 6.30 7.45 14.67
C HIS A 180 6.82 7.82 13.27
N ASP A 181 7.78 7.05 12.73
CA ASP A 181 8.35 7.34 11.42
C ASP A 181 8.24 6.09 10.52
N PRO A 182 7.05 5.83 9.93
CA PRO A 182 6.88 4.59 9.16
C PRO A 182 7.31 4.65 7.70
N LEU A 183 7.56 3.46 7.15
CA LEU A 183 7.86 3.26 5.73
C LEU A 183 6.54 2.75 5.17
N VAL A 184 6.00 3.44 4.17
CA VAL A 184 4.75 3.05 3.53
C VAL A 184 5.04 2.64 2.10
N VAL A 185 4.80 1.37 1.78
CA VAL A 185 4.98 0.84 0.43
C VAL A 185 3.66 0.22 0.04
N THR A 186 3.01 0.75 -0.99
CA THR A 186 1.73 0.21 -1.44
C THR A 186 1.89 -0.36 -2.84
N LEU A 187 1.11 -1.40 -3.15
CA LEU A 187 1.16 -2.04 -4.47
C LEU A 187 -0.25 -2.16 -5.02
N GLY A 188 -0.46 -1.56 -6.20
CA GLY A 188 -1.75 -1.53 -6.86
C GLY A 188 -2.86 -0.92 -6.01
N GLN A 189 -2.53 0.13 -5.23
CA GLN A 189 -3.51 0.77 -4.37
C GLN A 189 -4.45 1.69 -5.14
N PRO A 190 -5.76 1.62 -4.86
CA PRO A 190 -6.69 2.52 -5.55
C PRO A 190 -6.58 3.93 -4.98
N ILE A 191 -7.19 4.93 -5.64
CA ILE A 191 -7.15 6.31 -5.15
C ILE A 191 -7.89 6.38 -3.82
N VAL A 192 -7.24 6.93 -2.79
CA VAL A 192 -7.75 6.99 -1.43
C VAL A 192 -8.67 8.20 -1.16
N GLY A 193 -8.18 9.40 -1.44
CA GLY A 193 -8.95 10.61 -1.17
C GLY A 193 -9.01 11.65 -2.27
N ASN A 194 -9.34 12.89 -1.86
CA ASN A 194 -9.49 14.06 -2.73
C ASN A 194 -8.19 14.85 -2.85
N ALA A 195 -8.23 16.01 -3.55
CA ALA A 195 -7.09 16.92 -3.73
C ALA A 195 -6.56 17.41 -2.37
N GLY A 196 -7.48 17.62 -1.43
CA GLY A 196 -7.18 18.05 -0.06
C GLY A 196 -6.37 17.04 0.71
N PHE A 197 -6.70 15.74 0.55
CA PHE A 197 -5.99 14.64 1.19
C PHE A 197 -4.65 14.43 0.49
N ALA A 198 -4.68 14.32 -0.86
CA ALA A 198 -3.51 14.10 -1.72
C ALA A 198 -2.39 15.09 -1.43
N ASN A 199 -2.70 16.40 -1.41
CA ASN A 199 -1.74 17.48 -1.14
C ASN A 199 -1.29 17.55 0.31
N TRP A 200 -2.12 17.02 1.24
CA TRP A 200 -1.77 16.99 2.66
C TRP A 200 -0.73 15.88 2.91
N VAL A 201 -0.95 14.69 2.30
CA VAL A 201 -0.04 13.54 2.37
C VAL A 201 1.32 13.94 1.77
N ASP A 202 1.30 14.66 0.63
CA ASP A 202 2.49 15.18 -0.05
C ASP A 202 3.33 16.07 0.86
N LYS A 203 2.67 16.90 1.70
CA LYS A 203 3.36 17.75 2.67
C LYS A 203 3.87 16.90 3.84
N LEU A 204 3.04 15.94 4.31
CA LEU A 204 3.36 15.03 5.40
C LEU A 204 4.64 14.24 5.11
N PHE A 205 4.65 13.47 4.01
CA PHE A 205 5.76 12.60 3.60
C PHE A 205 6.90 13.25 2.82
N PHE A 206 6.65 14.36 2.09
CA PHE A 206 7.71 14.98 1.30
C PHE A 206 8.08 16.43 1.65
N GLY A 207 7.38 17.03 2.61
CA GLY A 207 7.65 18.39 3.09
C GLY A 207 7.03 19.54 2.32
N GLN A 208 6.56 19.28 1.07
CA GLN A 208 5.99 20.31 0.20
C GLN A 208 4.94 19.74 -0.78
N GLU A 209 4.26 20.64 -1.53
CA GLU A 209 3.30 20.29 -2.58
C GLU A 209 4.10 20.16 -3.87
N ASN A 210 3.61 19.34 -4.84
CA ASN A 210 4.30 19.03 -6.12
C ASN A 210 5.77 18.68 -5.77
N PRO A 211 6.02 17.62 -4.95
CA PRO A 211 7.40 17.35 -4.55
C PRO A 211 8.24 16.61 -5.58
N ASP A 212 9.55 16.60 -5.36
CA ASP A 212 10.49 15.89 -6.21
C ASP A 212 10.59 14.47 -5.67
N VAL A 213 9.85 13.56 -6.32
CA VAL A 213 9.75 12.13 -5.97
C VAL A 213 10.48 11.26 -7.02
N SER A 214 11.59 11.79 -7.55
CA SER A 214 12.42 11.20 -8.59
C SER A 214 13.44 10.17 -8.10
N LYS A 215 13.97 10.35 -6.88
CA LYS A 215 15.01 9.47 -6.36
C LYS A 215 14.62 8.65 -5.12
N VAL A 216 15.09 7.38 -5.05
CA VAL A 216 14.93 6.53 -3.86
C VAL A 216 15.96 7.16 -2.91
N SER A 217 15.44 7.89 -1.94
CA SER A 217 16.27 8.55 -0.96
C SER A 217 16.40 7.59 0.21
N LYS A 218 17.37 7.85 1.09
CA LYS A 218 17.59 7.05 2.29
C LYS A 218 16.50 7.45 3.29
N ASP A 219 16.06 8.73 3.22
CA ASP A 219 15.05 9.36 4.08
C ASP A 219 13.60 9.31 3.54
N ARG A 220 13.39 8.86 2.27
CA ARG A 220 12.03 8.76 1.69
C ARG A 220 11.24 7.64 2.40
N LYS A 221 9.95 7.89 2.67
CA LYS A 221 9.08 6.97 3.41
C LYS A 221 7.81 6.56 2.68
N LEU A 222 7.52 7.15 1.51
CA LEU A 222 6.31 6.82 0.78
C LEU A 222 6.59 6.37 -0.63
N TYR A 223 6.01 5.20 -0.99
CA TYR A 223 6.15 4.57 -2.31
C TYR A 223 4.85 3.93 -2.73
N ARG A 224 4.33 4.36 -3.88
CA ARG A 224 3.11 3.85 -4.47
C ARG A 224 3.48 3.06 -5.73
N ILE A 225 3.50 1.72 -5.63
CA ILE A 225 3.87 0.89 -6.77
C ILE A 225 2.68 0.60 -7.67
N THR A 226 2.80 0.96 -8.96
CA THR A 226 1.77 0.77 -9.98
C THR A 226 2.34 -0.07 -11.12
N HIS A 227 1.47 -0.71 -11.91
CA HIS A 227 1.87 -1.58 -13.00
C HIS A 227 1.07 -1.29 -14.27
N ARG A 228 1.71 -1.48 -15.45
CA ARG A 228 1.13 -1.32 -16.79
C ARG A 228 -0.13 -2.18 -16.88
N GLY A 229 -1.24 -1.55 -17.27
CA GLY A 229 -2.51 -2.24 -17.44
C GLY A 229 -3.37 -2.41 -16.21
N ASP A 230 -2.82 -2.14 -15.01
CA ASP A 230 -3.60 -2.26 -13.77
C ASP A 230 -4.54 -1.07 -13.67
N ILE A 231 -5.85 -1.37 -13.68
CA ILE A 231 -6.91 -0.37 -13.63
C ILE A 231 -7.15 0.17 -12.22
N VAL A 232 -6.91 -0.66 -11.18
CA VAL A 232 -7.10 -0.36 -9.76
C VAL A 232 -6.47 0.98 -9.31
N PRO A 233 -5.20 1.32 -9.63
CA PRO A 233 -4.66 2.64 -9.23
C PRO A 233 -5.30 3.85 -9.91
N GLN A 234 -6.26 3.64 -10.83
CA GLN A 234 -6.99 4.72 -11.52
C GLN A 234 -8.44 4.80 -11.02
N VAL A 235 -8.83 3.82 -10.20
CA VAL A 235 -10.14 3.64 -9.59
C VAL A 235 -10.14 4.27 -8.16
N PRO A 236 -11.15 5.08 -7.76
CA PRO A 236 -12.37 5.49 -8.47
C PRO A 236 -12.10 6.47 -9.61
N PHE A 237 -12.85 6.32 -10.72
CA PHE A 237 -12.75 7.19 -11.89
C PHE A 237 -13.32 8.58 -11.64
N TRP A 238 -14.14 8.74 -10.58
CA TRP A 238 -14.75 10.00 -10.15
C TRP A 238 -13.74 11.12 -10.08
N ASP A 239 -14.15 12.33 -10.47
CA ASP A 239 -13.29 13.50 -10.53
C ASP A 239 -12.74 13.99 -9.20
N GLY A 240 -13.50 13.79 -8.11
CA GLY A 240 -13.13 14.17 -6.77
C GLY A 240 -11.86 13.50 -6.26
N TYR A 241 -11.58 12.28 -6.75
CA TYR A 241 -10.42 11.47 -6.36
C TYR A 241 -9.11 11.89 -7.00
N GLN A 242 -8.06 11.99 -6.18
CA GLN A 242 -6.72 12.42 -6.59
C GLN A 242 -5.64 11.70 -5.77
N HIS A 243 -4.65 11.14 -6.47
CA HIS A 243 -3.53 10.44 -5.85
C HIS A 243 -2.55 11.41 -5.25
N CYS A 244 -1.81 10.96 -4.24
CA CYS A 244 -0.72 11.70 -3.66
C CYS A 244 0.51 11.28 -4.48
N SER A 245 1.64 11.99 -4.35
CA SER A 245 2.90 11.60 -4.97
C SER A 245 3.45 10.52 -3.97
N GLY A 246 4.39 9.64 -4.33
CA GLY A 246 5.08 9.52 -5.61
C GLY A 246 5.02 8.10 -6.11
N GLU A 247 4.59 7.96 -7.35
CA GLU A 247 4.43 6.70 -8.06
C GLU A 247 5.77 6.03 -8.41
N VAL A 248 5.76 4.69 -8.40
CA VAL A 248 6.84 3.78 -8.80
C VAL A 248 6.12 2.88 -9.82
N PHE A 249 6.47 3.01 -11.09
CA PHE A 249 5.79 2.31 -12.18
C PHE A 249 6.54 1.15 -12.83
N ILE A 250 5.90 -0.02 -12.85
CA ILE A 250 6.41 -1.22 -13.51
C ILE A 250 5.88 -1.15 -14.96
N ASP A 251 6.72 -0.62 -15.88
CA ASP A 251 6.39 -0.49 -17.30
C ASP A 251 6.74 -1.81 -18.01
N TRP A 252 6.08 -2.91 -17.60
CA TRP A 252 6.33 -4.24 -18.12
C TRP A 252 5.05 -5.08 -18.02
N PRO A 253 4.74 -5.95 -19.01
CA PRO A 253 3.49 -6.72 -18.93
C PRO A 253 3.45 -7.80 -17.86
N LEU A 254 4.62 -8.32 -17.47
CA LEU A 254 4.72 -9.45 -16.54
C LEU A 254 5.40 -9.18 -15.20
N ILE A 255 5.44 -10.24 -14.37
CA ILE A 255 6.14 -10.32 -13.09
C ILE A 255 7.64 -10.36 -13.42
N HIS A 256 8.51 -10.12 -12.42
CA HIS A 256 9.97 -10.07 -12.57
C HIS A 256 10.36 -9.11 -13.70
N PRO A 257 10.02 -7.81 -13.59
CA PRO A 257 10.36 -6.87 -14.68
C PRO A 257 11.87 -6.61 -14.83
N PRO A 258 12.37 -6.17 -16.01
CA PRO A 258 13.79 -5.82 -16.08
C PRO A 258 14.03 -4.51 -15.33
N LEU A 259 15.22 -4.38 -14.71
CA LEU A 259 15.68 -3.22 -13.95
C LEU A 259 15.41 -1.89 -14.68
N SER A 260 15.55 -1.88 -16.01
CA SER A 260 15.32 -0.72 -16.88
C SER A 260 13.85 -0.30 -16.97
N ASN A 261 12.92 -1.25 -16.79
CA ASN A 261 11.48 -0.98 -16.91
C ASN A 261 10.72 -0.61 -15.64
N VAL A 262 11.43 -0.45 -14.50
CA VAL A 262 10.85 0.00 -13.24
C VAL A 262 11.28 1.46 -13.09
N VAL A 263 10.32 2.37 -13.21
CA VAL A 263 10.58 3.79 -13.24
C VAL A 263 9.97 4.59 -12.06
N MET A 264 10.60 5.74 -11.74
CA MET A 264 10.14 6.67 -10.69
C MET A 264 9.36 7.76 -11.38
N CYS A 265 8.08 7.89 -11.04
CA CYS A 265 7.23 8.89 -11.67
C CYS A 265 7.09 10.15 -10.87
N GLN A 266 7.05 11.29 -11.58
CA GLN A 266 6.89 12.61 -11.00
C GLN A 266 5.43 13.04 -11.09
N GLY A 267 4.93 13.65 -10.01
CA GLY A 267 3.56 14.15 -9.94
C GLY A 267 2.53 13.22 -9.35
N GLN A 268 1.31 13.75 -9.19
CA GLN A 268 0.13 13.06 -8.64
C GLN A 268 -0.61 12.29 -9.74
N SER A 269 -0.28 12.61 -11.01
CA SER A 269 -0.81 11.97 -12.23
C SER A 269 0.27 12.07 -13.29
N ASN A 270 0.51 10.98 -14.03
CA ASN A 270 1.57 10.93 -15.04
C ASN A 270 1.14 10.11 -16.26
N LYS A 271 1.07 10.76 -17.44
CA LYS A 271 0.68 10.15 -18.71
C LYS A 271 1.65 9.03 -19.15
N GLN A 272 2.91 9.10 -18.71
CA GLN A 272 3.94 8.10 -19.00
C GLN A 272 3.82 6.87 -18.08
N CYS A 273 3.07 7.01 -16.97
CA CYS A 273 2.92 5.95 -15.97
C CYS A 273 1.47 5.41 -15.86
N SER A 274 0.98 5.07 -14.63
CA SER A 274 -0.37 4.55 -14.35
C SER A 274 -1.52 5.30 -15.02
N ALA A 275 -1.43 6.63 -15.09
CA ALA A 275 -2.46 7.50 -15.66
C ALA A 275 -2.61 7.39 -17.19
N GLY A 276 -1.62 6.80 -17.86
CA GLY A 276 -1.61 6.62 -19.31
C GLY A 276 -2.13 5.27 -19.76
N ASN A 277 -2.73 4.49 -18.83
CA ASN A 277 -3.22 3.14 -19.14
C ASN A 277 -4.36 3.17 -20.13
N THR A 278 -4.15 2.46 -21.25
CA THR A 278 -4.99 2.42 -22.42
C THR A 278 -5.91 1.22 -22.43
N LEU A 279 -6.86 1.21 -23.38
CA LEU A 279 -7.89 0.19 -23.54
C LEU A 279 -7.33 -1.22 -23.73
N LEU A 280 -6.35 -1.39 -24.64
CA LEU A 280 -5.77 -2.72 -24.86
C LEU A 280 -4.90 -3.25 -23.71
N GLN A 281 -4.17 -2.35 -23.05
CA GLN A 281 -3.45 -2.69 -21.83
C GLN A 281 -4.47 -2.85 -20.67
N GLN A 282 -5.74 -2.41 -20.87
CA GLN A 282 -6.86 -2.57 -19.94
C GLN A 282 -7.86 -3.65 -20.49
N VAL A 283 -7.39 -4.91 -20.56
CA VAL A 283 -8.23 -6.04 -20.98
C VAL A 283 -8.22 -7.09 -19.84
N ASN A 284 -7.02 -7.44 -19.35
CA ASN A 284 -6.81 -8.38 -18.25
C ASN A 284 -6.87 -7.64 -16.91
N VAL A 285 -8.09 -7.20 -16.53
CA VAL A 285 -8.37 -6.42 -15.32
C VAL A 285 -7.69 -7.02 -14.11
N ILE A 286 -7.99 -8.29 -13.77
CA ILE A 286 -7.36 -8.99 -12.63
C ILE A 286 -5.90 -9.36 -12.91
N GLY A 287 -5.64 -10.00 -14.06
CA GLY A 287 -4.32 -10.38 -14.51
C GLY A 287 -3.26 -9.31 -14.32
N ASN A 288 -3.56 -8.07 -14.71
CA ASN A 288 -2.67 -6.92 -14.58
C ASN A 288 -2.50 -6.43 -13.14
N HIS A 289 -3.52 -6.64 -12.29
CA HIS A 289 -3.49 -6.24 -10.88
C HIS A 289 -2.59 -7.16 -10.03
N LEU A 290 -2.36 -8.40 -10.50
CA LEU A 290 -1.56 -9.38 -9.78
C LEU A 290 -0.05 -9.26 -10.00
N GLN A 291 0.36 -8.69 -11.13
CA GLN A 291 1.77 -8.60 -11.52
C GLN A 291 2.57 -7.44 -10.92
N TYR A 292 3.09 -7.64 -9.70
CA TYR A 292 3.91 -6.67 -8.98
C TYR A 292 5.21 -7.34 -8.51
N PHE A 293 6.19 -7.48 -9.44
CA PHE A 293 7.49 -8.17 -9.28
C PHE A 293 7.26 -9.67 -9.10
N VAL A 294 6.38 -10.02 -8.17
CA VAL A 294 5.92 -11.35 -7.78
C VAL A 294 4.42 -11.36 -8.12
N THR A 295 3.85 -12.53 -8.46
CA THR A 295 2.41 -12.62 -8.72
C THR A 295 1.66 -12.56 -7.40
N GLU A 296 0.97 -11.43 -7.16
CA GLU A 296 0.20 -11.15 -5.96
C GLU A 296 -1.14 -11.86 -5.88
N GLY A 297 -1.61 -12.08 -4.65
CA GLY A 297 -2.87 -12.75 -4.37
C GLY A 297 -2.79 -14.26 -4.20
N VAL A 298 -1.57 -14.82 -4.00
CA VAL A 298 -1.32 -16.26 -3.85
C VAL A 298 -0.21 -16.56 -2.83
N CYS A 299 -0.46 -17.48 -1.88
CA CYS A 299 0.54 -17.89 -0.91
C CYS A 299 0.50 -19.37 -0.53
N GLY A 300 1.45 -20.12 -1.13
CA GLY A 300 1.68 -21.56 -0.93
C GLY A 300 0.50 -22.39 -0.47
#